data_1DXJ
#
_entry.id   1DXJ
#
_cell.length_a   67.690
_cell.length_b   67.690
_cell.length_c   110.210
_cell.angle_alpha   90.00
_cell.angle_beta   90.00
_cell.angle_gamma   120.00
#
_symmetry.space_group_name_H-M   'P 61'
#
loop_
_entity.id
_entity.type
_entity.pdbx_description
1 polymer 'CLASS II CHITINASE'
2 non-polymer 'SULFATE ION'
3 water water
#
_entity_poly.entity_id   1
_entity_poly.type   'polypeptide(L)'
_entity_poly.pdbx_seq_one_letter_code
;DVGSVIDASLFDQLLKHRNDPACEGKGFYSYNAFVTAARSFGGFGTTGDTNTRKREVAAFLAQTSHETTGGAAGSPDGPY
AWGYCFVTERDKSNKYCDPGTPCPAGKSYYGRGPIQLTHNYNYAQAGRALGVDLINNPDLVARDAVISFKTAIWFWMTPQ
GNKPSCHDVITNRWTPSAADVAANRTPGFGVITNIINGGIECGRGPSPASGDRIGFYKRYCDVLHLSYGPNLNCRDQRPF
GG
;
_entity_poly.pdbx_strand_id   A
#
loop_
_chem_comp.id
_chem_comp.type
_chem_comp.name
_chem_comp.formula
SO4 non-polymer 'SULFATE ION' 'O4 S -2'
#
# COMPACT_ATOMS: atom_id res chain seq x y z
N ASP A 1 3.35 16.22 12.19
CA ASP A 1 3.98 15.97 10.84
C ASP A 1 4.67 14.59 10.71
N VAL A 2 4.42 13.89 9.60
CA VAL A 2 5.02 12.58 9.34
C VAL A 2 6.52 12.73 9.05
N GLY A 3 6.95 13.94 8.71
CA GLY A 3 8.36 14.21 8.42
C GLY A 3 9.29 14.06 9.62
N SER A 4 8.70 14.10 10.80
CA SER A 4 9.45 13.93 12.05
C SER A 4 9.75 12.46 12.32
N VAL A 5 9.00 11.59 11.67
CA VAL A 5 9.13 10.14 11.79
C VAL A 5 10.07 9.60 10.73
N ILE A 6 9.99 10.15 9.53
CA ILE A 6 10.83 9.68 8.44
C ILE A 6 11.40 10.85 7.63
N ASP A 7 12.72 11.02 7.65
CA ASP A 7 13.35 12.09 6.88
C ASP A 7 13.79 11.60 5.50
N ALA A 8 14.27 12.53 4.67
CA ALA A 8 14.71 12.19 3.31
C ALA A 8 15.75 11.06 3.23
N SER A 9 16.69 11.01 4.17
CA SER A 9 17.72 9.97 4.19
C SER A 9 17.16 8.57 4.46
N LEU A 10 16.27 8.47 5.44
CA LEU A 10 15.67 7.18 5.76
C LEU A 10 14.84 6.70 4.57
N PHE A 11 14.10 7.63 3.97
CA PHE A 11 13.25 7.33 2.82
C PHE A 11 14.13 6.73 1.72
N ASP A 12 15.25 7.38 1.44
CA ASP A 12 16.17 6.92 0.43
C ASP A 12 16.83 5.59 0.81
N GLN A 13 17.07 5.40 2.10
CA GLN A 13 17.68 4.16 2.54
C GLN A 13 16.70 3.01 2.37
N LEU A 14 15.44 3.22 2.71
CA LEU A 14 14.44 2.17 2.56
C LEU A 14 14.20 1.86 1.10
N LEU A 15 13.96 2.89 0.28
CA LEU A 15 13.68 2.71 -1.14
C LEU A 15 14.91 3.06 -1.95
N LYS A 16 16.01 2.37 -1.67
CA LYS A 16 17.28 2.67 -2.33
C LYS A 16 17.46 2.42 -3.82
N HIS A 17 16.58 1.63 -4.45
CA HIS A 17 16.69 1.34 -5.88
C HIS A 17 15.55 1.85 -6.75
N ARG A 18 14.68 2.69 -6.19
CA ARG A 18 13.54 3.22 -6.91
C ARG A 18 13.92 4.02 -8.16
N ASN A 19 15.04 4.74 -8.08
CA ASN A 19 15.51 5.55 -9.19
C ASN A 19 16.53 4.86 -10.08
N ASP A 20 16.67 3.54 -9.92
CA ASP A 20 17.58 2.75 -10.73
C ASP A 20 17.13 2.84 -12.18
N PRO A 21 18.09 2.89 -13.13
CA PRO A 21 17.66 2.97 -14.53
C PRO A 21 16.85 1.76 -14.98
N ALA A 22 16.90 0.69 -14.20
CA ALA A 22 16.15 -0.53 -14.51
C ALA A 22 14.73 -0.46 -13.93
N CYS A 23 14.44 0.64 -13.24
CA CYS A 23 13.12 0.86 -12.68
C CYS A 23 12.38 1.88 -13.54
N GLU A 24 11.06 1.88 -13.43
CA GLU A 24 10.20 2.73 -14.23
C GLU A 24 10.09 4.18 -13.74
N GLY A 25 10.10 4.38 -12.43
CA GLY A 25 9.98 5.70 -11.83
C GLY A 25 10.84 6.83 -12.38
N LYS A 26 12.16 6.64 -12.35
CA LYS A 26 13.09 7.65 -12.85
C LYS A 26 12.83 9.00 -12.18
N GLY A 27 12.73 8.98 -10.86
CA GLY A 27 12.52 10.20 -10.12
C GLY A 27 11.07 10.51 -9.79
N PHE A 28 10.14 9.63 -10.17
CA PHE A 28 8.71 9.87 -9.89
C PHE A 28 8.40 9.85 -8.39
N TYR A 29 8.79 8.78 -7.73
CA TYR A 29 8.51 8.60 -6.31
C TYR A 29 9.46 9.38 -5.40
N SER A 30 9.24 10.69 -5.32
CA SER A 30 10.11 11.54 -4.50
C SER A 30 9.64 11.65 -3.05
N TYR A 31 10.59 11.95 -2.17
CA TYR A 31 10.30 12.12 -0.77
C TYR A 31 9.37 13.31 -0.62
N ASN A 32 9.66 14.39 -1.36
CA ASN A 32 8.85 15.62 -1.31
C ASN A 32 7.39 15.34 -1.69
N ALA A 33 7.19 14.49 -2.69
CA ALA A 33 5.83 14.14 -3.11
C ALA A 33 5.16 13.33 -2.02
N PHE A 34 5.92 12.43 -1.39
CA PHE A 34 5.40 11.59 -0.33
C PHE A 34 4.93 12.42 0.86
N VAL A 35 5.80 13.27 1.40
CA VAL A 35 5.42 14.12 2.54
C VAL A 35 4.32 15.13 2.20
N THR A 36 4.31 15.62 0.98
CA THR A 36 3.27 16.56 0.56
C THR A 36 1.90 15.88 0.59
N ALA A 37 1.84 14.65 0.08
CA ALA A 37 0.62 13.87 0.05
C ALA A 37 0.20 13.46 1.46
N ALA A 38 1.17 13.05 2.26
CA ALA A 38 0.92 12.62 3.64
C ALA A 38 0.26 13.71 4.50
N ARG A 39 0.63 14.96 4.25
CA ARG A 39 0.07 16.09 5.00
C ARG A 39 -1.42 16.29 4.77
N SER A 40 -1.92 15.77 3.67
CA SER A 40 -3.33 15.89 3.35
C SER A 40 -4.20 14.94 4.19
N PHE A 41 -3.56 13.98 4.84
CA PHE A 41 -4.28 13.02 5.65
C PHE A 41 -3.93 13.05 7.12
N GLY A 42 -4.76 13.76 7.88
CA GLY A 42 -4.55 13.86 9.31
C GLY A 42 -4.60 12.49 9.98
N GLY A 43 -3.64 12.22 10.85
CA GLY A 43 -3.61 10.95 11.52
C GLY A 43 -2.56 10.01 10.95
N PHE A 44 -2.27 10.14 9.66
CA PHE A 44 -1.28 9.27 9.03
C PHE A 44 0.14 9.54 9.54
N GLY A 45 0.72 8.55 10.21
CA GLY A 45 2.06 8.71 10.74
C GLY A 45 2.17 9.68 11.90
N THR A 46 1.03 10.12 12.44
CA THR A 46 1.03 11.06 13.57
C THR A 46 0.09 10.60 14.69
N THR A 47 -0.28 9.33 14.66
CA THR A 47 -1.17 8.75 15.66
C THR A 47 -0.45 7.81 16.60
N GLY A 48 -0.55 8.08 17.90
CA GLY A 48 0.06 7.21 18.89
C GLY A 48 1.44 7.65 19.29
N ASP A 49 2.13 6.79 20.03
CA ASP A 49 3.49 7.06 20.49
C ASP A 49 4.45 6.98 19.30
N THR A 50 5.68 7.42 19.48
CA THR A 50 6.63 7.42 18.39
C THR A 50 6.81 6.09 17.66
N ASN A 51 6.86 4.98 18.38
CA ASN A 51 7.04 3.69 17.71
C ASN A 51 5.84 3.27 16.87
N THR A 52 4.63 3.68 17.27
CA THR A 52 3.43 3.35 16.52
C THR A 52 3.43 4.16 15.21
N ARG A 53 3.87 5.41 15.28
CA ARG A 53 3.93 6.25 14.10
C ARG A 53 4.94 5.65 13.11
N LYS A 54 6.09 5.25 13.61
CA LYS A 54 7.11 4.64 12.78
C LYS A 54 6.59 3.34 12.19
N ARG A 55 5.89 2.56 13.01
CA ARG A 55 5.32 1.29 12.57
C ARG A 55 4.26 1.49 11.47
N GLU A 56 3.47 2.57 11.57
CA GLU A 56 2.48 2.84 10.52
C GLU A 56 3.18 3.12 9.19
N VAL A 57 4.24 3.93 9.25
CA VAL A 57 5.00 4.26 8.06
C VAL A 57 5.68 3.01 7.48
N ALA A 58 6.22 2.17 8.35
CA ALA A 58 6.88 0.92 7.93
C ALA A 58 5.91 -0.05 7.26
N ALA A 59 4.72 -0.22 7.84
CA ALA A 59 3.71 -1.11 7.29
C ALA A 59 3.16 -0.59 5.96
N PHE A 60 2.94 0.72 5.86
CA PHE A 60 2.44 1.35 4.63
C PHE A 60 3.46 1.16 3.52
N LEU A 61 4.72 1.50 3.81
CA LEU A 61 5.78 1.35 2.81
C LEU A 61 6.04 -0.10 2.43
N ALA A 62 5.88 -1.03 3.38
CA ALA A 62 6.07 -2.46 3.10
C ALA A 62 5.03 -3.01 2.11
N GLN A 63 3.76 -2.74 2.41
CA GLN A 63 2.65 -3.16 1.57
C GLN A 63 2.73 -2.59 0.15
N THR A 64 2.98 -1.29 0.06
CA THR A 64 3.11 -0.60 -1.23
C THR A 64 4.39 -0.99 -1.99
N SER A 65 5.45 -1.34 -1.25
CA SER A 65 6.71 -1.78 -1.86
C SER A 65 6.45 -3.10 -2.56
N HIS A 66 5.66 -3.96 -1.93
CA HIS A 66 5.33 -5.23 -2.56
C HIS A 66 4.57 -5.00 -3.87
N GLU A 67 3.60 -4.10 -3.85
CA GLU A 67 2.77 -3.81 -5.03
C GLU A 67 3.57 -3.29 -6.22
N THR A 68 4.69 -2.66 -5.94
CA THR A 68 5.53 -2.06 -6.98
C THR A 68 6.96 -2.65 -7.06
N THR A 69 7.16 -3.82 -6.48
CA THR A 69 8.49 -4.42 -6.43
C THR A 69 9.21 -4.82 -7.72
N GLY A 70 10.49 -4.53 -7.79
CA GLY A 70 11.31 -4.96 -8.92
C GLY A 70 12.35 -5.92 -8.35
N GLY A 71 12.09 -6.47 -7.16
CA GLY A 71 13.03 -7.36 -6.50
C GLY A 71 12.86 -8.84 -6.78
N ALA A 72 13.94 -9.59 -6.61
CA ALA A 72 13.93 -11.02 -6.82
C ALA A 72 15.06 -11.62 -6.01
N ALA A 73 15.10 -12.94 -5.93
CA ALA A 73 16.20 -13.61 -5.21
C ALA A 73 17.48 -13.30 -6.00
N GLY A 74 18.48 -12.78 -5.32
CA GLY A 74 19.72 -12.45 -6.02
C GLY A 74 19.86 -11.00 -6.45
N SER A 75 18.79 -10.21 -6.36
CA SER A 75 18.88 -8.80 -6.73
C SER A 75 19.90 -8.10 -5.84
N PRO A 76 20.55 -7.04 -6.34
CA PRO A 76 21.52 -6.35 -5.50
C PRO A 76 20.83 -5.84 -4.22
N ASP A 77 21.43 -6.12 -3.07
CA ASP A 77 20.90 -5.74 -1.77
C ASP A 77 19.68 -6.53 -1.36
N GLY A 78 19.40 -7.60 -2.12
CA GLY A 78 18.28 -8.46 -1.85
C GLY A 78 16.95 -7.98 -2.41
N PRO A 79 15.93 -8.85 -2.41
CA PRO A 79 14.59 -8.54 -2.93
C PRO A 79 13.86 -7.40 -2.23
N TYR A 80 14.19 -7.20 -0.94
CA TYR A 80 13.52 -6.19 -0.14
C TYR A 80 14.13 -4.80 -0.17
N ALA A 81 14.98 -4.55 -1.17
CA ALA A 81 15.57 -3.23 -1.36
C ALA A 81 15.08 -2.69 -2.71
N TRP A 82 14.14 -3.40 -3.35
CA TRP A 82 13.63 -3.00 -4.66
C TRP A 82 12.18 -2.55 -4.72
N GLY A 83 11.68 -2.05 -3.61
CA GLY A 83 10.32 -1.55 -3.59
C GLY A 83 10.25 -0.27 -4.40
N TYR A 84 9.05 0.06 -4.87
CA TYR A 84 8.81 1.29 -5.65
C TYR A 84 9.58 1.37 -6.97
N CYS A 85 9.80 0.21 -7.57
CA CYS A 85 10.51 0.13 -8.83
C CYS A 85 9.53 0.45 -9.97
N PHE A 86 8.31 -0.05 -9.87
CA PHE A 86 7.29 0.16 -10.90
C PHE A 86 6.22 1.15 -10.53
N VAL A 87 5.67 1.78 -11.57
CA VAL A 87 4.61 2.76 -11.43
C VAL A 87 3.31 2.18 -12.01
N THR A 88 3.43 1.48 -13.14
CA THR A 88 2.26 0.91 -13.79
C THR A 88 2.32 -0.60 -13.96
N GLU A 89 1.15 -1.20 -14.12
CA GLU A 89 1.02 -2.64 -14.32
C GLU A 89 1.73 -2.97 -15.63
N ARG A 90 2.41 -4.11 -15.71
CA ARG A 90 3.14 -4.47 -16.94
C ARG A 90 2.24 -4.69 -18.14
N ASP A 91 1.10 -5.35 -17.92
CA ASP A 91 0.13 -5.61 -18.97
C ASP A 91 -0.85 -4.45 -19.03
N LYS A 92 -0.87 -3.74 -20.15
CA LYS A 92 -1.76 -2.61 -20.28
C LYS A 92 -2.86 -2.86 -21.32
N SER A 93 -3.16 -4.12 -21.58
CA SER A 93 -4.18 -4.46 -22.57
C SER A 93 -5.58 -4.55 -21.95
N ASN A 94 -5.65 -4.70 -20.63
CA ASN A 94 -6.93 -4.79 -19.94
C ASN A 94 -7.37 -3.42 -19.41
N LYS A 95 -8.54 -2.99 -19.86
CA LYS A 95 -9.13 -1.71 -19.48
C LYS A 95 -9.65 -1.67 -18.05
N TYR A 96 -10.02 -2.83 -17.51
CA TYR A 96 -10.58 -2.96 -16.17
C TYR A 96 -11.80 -2.06 -15.95
N CYS A 97 -12.71 -2.10 -16.91
CA CYS A 97 -13.93 -1.33 -16.82
C CYS A 97 -15.06 -2.25 -16.44
N ASP A 98 -15.62 -2.03 -15.27
CA ASP A 98 -16.73 -2.84 -14.83
C ASP A 98 -17.99 -2.13 -15.32
N PRO A 99 -18.99 -2.91 -15.76
CA PRO A 99 -20.26 -2.40 -16.29
C PRO A 99 -21.01 -1.28 -15.58
N GLY A 100 -20.97 -1.24 -14.25
CA GLY A 100 -21.70 -0.18 -13.56
C GLY A 100 -21.13 1.22 -13.51
N THR A 101 -19.86 1.37 -13.87
CA THR A 101 -19.20 2.66 -13.82
C THR A 101 -18.82 3.13 -15.21
N PRO A 102 -18.75 4.45 -15.41
CA PRO A 102 -18.38 4.89 -16.75
C PRO A 102 -17.00 4.40 -17.18
N CYS A 103 -16.84 4.29 -18.48
CA CYS A 103 -15.61 3.84 -19.08
C CYS A 103 -15.40 4.69 -20.33
N PRO A 104 -14.97 5.95 -20.16
CA PRO A 104 -14.73 6.88 -21.28
C PRO A 104 -13.87 6.28 -22.38
N ALA A 105 -14.11 6.73 -23.60
CA ALA A 105 -13.37 6.24 -24.75
C ALA A 105 -11.86 6.51 -24.62
N GLY A 106 -11.05 5.47 -24.84
CA GLY A 106 -9.61 5.58 -24.77
C GLY A 106 -8.96 5.66 -23.39
N LYS A 107 -9.68 5.27 -22.35
CA LYS A 107 -9.18 5.29 -20.98
C LYS A 107 -9.08 3.85 -20.46
N SER A 108 -8.04 3.57 -19.68
CA SER A 108 -7.84 2.24 -19.12
C SER A 108 -7.60 2.41 -17.65
N TYR A 109 -7.99 1.42 -16.88
CA TYR A 109 -7.87 1.48 -15.44
C TYR A 109 -6.99 0.38 -14.85
N TYR A 110 -5.88 0.10 -15.54
CA TYR A 110 -4.93 -0.89 -15.04
C TYR A 110 -4.21 -0.28 -13.84
N GLY A 111 -3.49 -1.11 -13.10
CA GLY A 111 -2.76 -0.69 -11.91
C GLY A 111 -1.79 0.47 -12.09
N ARG A 112 -1.88 1.44 -11.18
CA ARG A 112 -0.99 2.60 -11.22
C ARG A 112 -0.70 3.06 -9.78
N GLY A 113 0.52 3.53 -9.55
CA GLY A 113 0.87 4.05 -8.25
C GLY A 113 1.27 3.04 -7.19
N PRO A 114 1.57 3.52 -5.98
CA PRO A 114 1.98 2.68 -4.85
C PRO A 114 1.02 1.56 -4.46
N ILE A 115 -0.26 1.79 -4.59
CA ILE A 115 -1.20 0.73 -4.21
C ILE A 115 -1.73 0.02 -5.47
N GLN A 116 -1.16 0.36 -6.63
CA GLN A 116 -1.60 -0.22 -7.90
C GLN A 116 -3.11 -0.16 -8.07
N LEU A 117 -3.66 1.04 -7.94
CA LEU A 117 -5.10 1.29 -8.06
C LEU A 117 -5.60 0.73 -9.40
N THR A 118 -6.66 -0.08 -9.35
CA THR A 118 -7.21 -0.73 -10.54
C THR A 118 -8.73 -0.69 -10.57
N HIS A 119 -9.30 -0.75 -11.78
CA HIS A 119 -10.75 -0.72 -12.04
C HIS A 119 -11.36 0.67 -12.05
N ASN A 120 -12.20 0.92 -13.04
CA ASN A 120 -12.85 2.21 -13.16
C ASN A 120 -13.60 2.64 -11.90
N TYR A 121 -14.28 1.70 -11.21
CA TYR A 121 -15.02 2.08 -10.01
C TYR A 121 -14.13 2.54 -8.87
N ASN A 122 -12.92 2.01 -8.79
CA ASN A 122 -11.99 2.43 -7.74
C ASN A 122 -11.40 3.78 -8.05
N TYR A 123 -11.18 4.06 -9.34
CA TYR A 123 -10.68 5.36 -9.75
C TYR A 123 -11.75 6.40 -9.45
N ALA A 124 -13.00 6.03 -9.70
CA ALA A 124 -14.14 6.91 -9.44
C ALA A 124 -14.23 7.24 -7.93
N GLN A 125 -14.12 6.23 -7.07
CA GLN A 125 -14.15 6.44 -5.63
C GLN A 125 -13.00 7.30 -5.13
N ALA A 126 -11.79 6.94 -5.52
CA ALA A 126 -10.61 7.71 -5.12
C ALA A 126 -10.74 9.14 -5.60
N GLY A 127 -11.20 9.30 -6.83
CA GLY A 127 -11.38 10.62 -7.43
C GLY A 127 -12.33 11.50 -6.62
N ARG A 128 -13.47 10.95 -6.23
CA ARG A 128 -14.44 11.71 -5.45
C ARG A 128 -13.91 12.11 -4.08
N ALA A 129 -13.13 11.23 -3.46
CA ALA A 129 -12.59 11.53 -2.14
C ALA A 129 -11.49 12.57 -2.19
N LEU A 130 -10.68 12.54 -3.25
CA LEU A 130 -9.58 13.47 -3.39
C LEU A 130 -9.97 14.77 -4.10
N GLY A 131 -11.15 14.80 -4.70
CA GLY A 131 -11.61 15.97 -5.42
C GLY A 131 -10.90 16.19 -6.76
N VAL A 132 -10.59 15.11 -7.46
CA VAL A 132 -9.92 15.15 -8.76
C VAL A 132 -10.65 14.18 -9.68
N ASP A 133 -10.77 14.54 -10.94
CA ASP A 133 -11.45 13.70 -11.89
C ASP A 133 -10.56 12.56 -12.39
N LEU A 134 -10.56 11.45 -11.67
CA LEU A 134 -9.74 10.31 -12.07
C LEU A 134 -10.41 9.39 -13.08
N ILE A 135 -11.72 9.52 -13.29
CA ILE A 135 -12.36 8.68 -14.27
C ILE A 135 -11.94 9.13 -15.68
N ASN A 136 -11.89 10.45 -15.89
CA ASN A 136 -11.47 10.97 -17.19
C ASN A 136 -9.96 11.17 -17.32
N ASN A 137 -9.25 11.16 -16.19
CA ASN A 137 -7.80 11.34 -16.19
C ASN A 137 -7.14 10.28 -15.32
N PRO A 138 -7.35 8.99 -15.64
CA PRO A 138 -6.73 7.95 -14.82
C PRO A 138 -5.20 8.00 -14.85
N ASP A 139 -4.63 8.54 -15.92
CA ASP A 139 -3.18 8.62 -16.03
C ASP A 139 -2.50 9.54 -15.00
N LEU A 140 -3.29 10.37 -14.33
CA LEU A 140 -2.73 11.25 -13.30
C LEU A 140 -2.10 10.41 -12.21
N VAL A 141 -2.66 9.23 -11.97
CA VAL A 141 -2.13 8.36 -10.92
C VAL A 141 -0.71 7.89 -11.24
N ALA A 142 -0.32 7.93 -12.52
CA ALA A 142 1.03 7.53 -12.93
C ALA A 142 1.86 8.73 -13.39
N ARG A 143 1.28 9.92 -13.37
CA ARG A 143 1.98 11.12 -13.82
C ARG A 143 2.16 12.21 -12.78
N ASP A 144 1.21 12.35 -11.88
CA ASP A 144 1.29 13.34 -10.82
C ASP A 144 1.68 12.57 -9.56
N ALA A 145 2.93 12.72 -9.11
CA ALA A 145 3.42 11.98 -7.94
C ALA A 145 2.68 12.26 -6.63
N VAL A 146 2.21 13.50 -6.44
CA VAL A 146 1.47 13.82 -5.23
C VAL A 146 0.12 13.08 -5.26
N ILE A 147 -0.58 13.10 -6.40
CA ILE A 147 -1.84 12.39 -6.51
C ILE A 147 -1.61 10.88 -6.38
N SER A 148 -0.50 10.41 -6.93
CA SER A 148 -0.16 8.98 -6.86
C SER A 148 -0.06 8.53 -5.40
N PHE A 149 0.71 9.24 -4.58
CA PHE A 149 0.81 8.92 -3.17
C PHE A 149 -0.52 9.12 -2.44
N LYS A 150 -1.26 10.16 -2.82
CA LYS A 150 -2.56 10.40 -2.20
C LYS A 150 -3.53 9.25 -2.40
N THR A 151 -3.53 8.62 -3.58
CA THR A 151 -4.44 7.50 -3.80
C THR A 151 -4.12 6.33 -2.86
N ALA A 152 -2.83 6.13 -2.59
CA ALA A 152 -2.39 5.03 -1.74
C ALA A 152 -2.69 5.30 -0.28
N ILE A 153 -2.42 6.52 0.16
CA ILE A 153 -2.69 6.89 1.55
C ILE A 153 -4.21 6.95 1.76
N TRP A 154 -4.95 7.41 0.76
CA TRP A 154 -6.41 7.47 0.86
C TRP A 154 -6.91 6.05 1.13
N PHE A 155 -6.46 5.09 0.32
CA PHE A 155 -6.87 3.71 0.48
C PHE A 155 -6.55 3.21 1.90
N TRP A 156 -5.33 3.51 2.35
CA TRP A 156 -4.85 3.12 3.67
C TRP A 156 -5.73 3.64 4.83
N MET A 157 -6.23 4.86 4.70
CA MET A 157 -7.03 5.51 5.73
C MET A 157 -8.54 5.26 5.66
N THR A 158 -8.98 4.54 4.63
CA THR A 158 -10.41 4.34 4.39
C THR A 158 -11.08 3.03 4.72
N PRO A 159 -12.06 3.06 5.66
CA PRO A 159 -12.77 1.83 6.02
C PRO A 159 -13.83 1.54 4.93
N GLN A 160 -14.15 0.26 4.70
CA GLN A 160 -15.16 -0.12 3.72
C GLN A 160 -15.93 -1.35 4.17
N GLY A 161 -17.22 -1.19 4.44
CA GLY A 161 -18.03 -2.33 4.87
C GLY A 161 -17.49 -3.07 6.08
N ASN A 162 -17.25 -4.37 5.92
CA ASN A 162 -16.73 -5.17 7.03
C ASN A 162 -15.23 -4.98 7.23
N LYS A 163 -14.59 -4.23 6.34
CA LYS A 163 -13.15 -4.00 6.44
C LYS A 163 -12.77 -2.73 7.19
N PRO A 164 -11.91 -2.87 8.22
CA PRO A 164 -11.52 -1.63 8.91
C PRO A 164 -10.46 -0.99 8.03
N SER A 165 -10.05 0.23 8.35
CA SER A 165 -8.98 0.88 7.59
C SER A 165 -7.66 0.24 8.05
N CYS A 166 -6.67 0.22 7.18
CA CYS A 166 -5.35 -0.33 7.51
C CYS A 166 -4.77 0.51 8.66
N HIS A 167 -5.07 1.80 8.62
CA HIS A 167 -4.65 2.76 9.61
C HIS A 167 -5.08 2.33 11.01
N ASP A 168 -6.36 2.00 11.15
CA ASP A 168 -6.90 1.59 12.44
C ASP A 168 -6.33 0.28 12.96
N VAL A 169 -6.02 -0.64 12.06
CA VAL A 169 -5.44 -1.92 12.46
C VAL A 169 -4.05 -1.69 13.07
N ILE A 170 -3.19 -1.01 12.31
CA ILE A 170 -1.82 -0.79 12.75
C ILE A 170 -1.69 0.11 13.99
N THR A 171 -2.68 0.93 14.27
CA THR A 171 -2.61 1.80 15.46
C THR A 171 -3.43 1.27 16.64
N ASN A 172 -3.91 0.03 16.54
CA ASN A 172 -4.71 -0.61 17.61
C ASN A 172 -6.05 0.09 17.90
N ARG A 173 -6.60 0.79 16.91
CA ARG A 173 -7.88 1.46 17.08
C ARG A 173 -9.03 0.55 16.66
N TRP A 174 -8.70 -0.50 15.93
CA TRP A 174 -9.70 -1.45 15.47
C TRP A 174 -9.97 -2.53 16.53
N THR A 175 -11.25 -2.74 16.85
CA THR A 175 -11.63 -3.79 17.78
C THR A 175 -12.33 -4.84 16.91
N PRO A 176 -11.72 -6.03 16.74
CA PRO A 176 -12.34 -7.08 15.91
C PRO A 176 -13.72 -7.47 16.44
N SER A 177 -14.65 -7.80 15.56
CA SER A 177 -15.97 -8.21 16.00
C SER A 177 -15.90 -9.71 16.31
N ALA A 178 -17.01 -10.29 16.77
CA ALA A 178 -17.03 -11.72 17.04
C ALA A 178 -16.80 -12.46 15.73
N ALA A 179 -17.28 -11.87 14.63
CA ALA A 179 -17.11 -12.48 13.30
C ALA A 179 -15.64 -12.51 12.93
N ASP A 180 -14.90 -11.46 13.27
CA ASP A 180 -13.47 -11.41 12.99
C ASP A 180 -12.70 -12.46 13.82
N VAL A 181 -13.03 -12.53 15.10
CA VAL A 181 -12.41 -13.50 16.01
C VAL A 181 -12.66 -14.91 15.46
N ALA A 182 -13.88 -15.16 15.00
CA ALA A 182 -14.22 -16.45 14.45
C ALA A 182 -13.42 -16.76 13.16
N ALA A 183 -13.10 -15.72 12.37
CA ALA A 183 -12.35 -15.86 11.12
C ALA A 183 -10.84 -15.83 11.32
N ASN A 184 -10.42 -15.78 12.59
CA ASN A 184 -9.03 -15.73 12.99
C ASN A 184 -8.30 -14.48 12.53
N ARG A 185 -9.03 -13.37 12.39
CA ARG A 185 -8.43 -12.12 11.97
C ARG A 185 -7.92 -11.33 13.19
N THR A 186 -6.75 -11.72 13.66
CA THR A 186 -6.14 -11.10 14.83
C THR A 186 -5.36 -9.86 14.40
N PRO A 187 -5.53 -8.73 15.11
CA PRO A 187 -4.83 -7.48 14.78
C PRO A 187 -3.33 -7.66 14.50
N GLY A 188 -2.89 -7.12 13.36
CA GLY A 188 -1.48 -7.23 12.99
C GLY A 188 -1.28 -6.98 11.50
N PHE A 189 -0.05 -7.20 11.03
CA PHE A 189 0.29 -7.00 9.62
C PHE A 189 -0.50 -7.92 8.68
N GLY A 190 -0.76 -9.15 9.13
CA GLY A 190 -1.50 -10.12 8.32
C GLY A 190 -2.90 -9.63 7.94
N VAL A 191 -3.58 -8.98 8.86
CA VAL A 191 -4.92 -8.44 8.60
C VAL A 191 -4.85 -7.35 7.51
N ILE A 192 -3.79 -6.54 7.53
CA ILE A 192 -3.60 -5.52 6.52
C ILE A 192 -3.45 -6.17 5.14
N THR A 193 -2.66 -7.24 5.04
CA THR A 193 -2.51 -7.98 3.79
C THR A 193 -3.89 -8.52 3.36
N ASN A 194 -4.69 -8.94 4.34
CA ASN A 194 -6.03 -9.47 4.11
C ASN A 194 -6.92 -8.34 3.55
N ILE A 195 -6.82 -7.15 4.13
CA ILE A 195 -7.62 -6.03 3.64
C ILE A 195 -7.23 -5.71 2.17
N ILE A 196 -5.93 -5.70 1.90
CA ILE A 196 -5.42 -5.38 0.58
C ILE A 196 -5.66 -6.44 -0.50
N ASN A 197 -5.38 -7.71 -0.22
CA ASN A 197 -5.59 -8.73 -1.25
C ASN A 197 -5.85 -10.11 -0.68
N GLY A 198 -6.60 -10.13 0.41
CA GLY A 198 -6.90 -11.38 1.09
C GLY A 198 -7.61 -12.48 0.32
N GLY A 199 -8.42 -12.12 -0.67
CA GLY A 199 -9.12 -13.12 -1.45
C GLY A 199 -8.19 -14.08 -2.16
N ILE A 200 -7.00 -13.59 -2.51
CA ILE A 200 -6.01 -14.40 -3.18
C ILE A 200 -4.89 -14.87 -2.26
N GLU A 201 -4.46 -13.99 -1.36
CA GLU A 201 -3.34 -14.31 -0.49
C GLU A 201 -3.55 -14.91 0.89
N CYS A 202 -4.77 -14.88 1.42
CA CYS A 202 -5.02 -15.38 2.76
C CYS A 202 -5.90 -16.61 2.90
N GLY A 203 -5.80 -17.28 4.05
CA GLY A 203 -6.64 -18.44 4.31
C GLY A 203 -6.45 -19.72 3.52
N ARG A 204 -5.44 -19.78 2.67
CA ARG A 204 -5.19 -20.98 1.88
C ARG A 204 -3.76 -21.43 2.13
N GLY A 205 -3.25 -21.18 3.33
CA GLY A 205 -1.89 -21.58 3.60
C GLY A 205 -0.90 -20.53 3.11
N PRO A 206 0.39 -20.88 3.03
CA PRO A 206 1.46 -19.97 2.59
C PRO A 206 1.24 -19.37 1.20
N SER A 207 1.56 -18.08 1.11
CA SER A 207 1.43 -17.34 -0.11
C SER A 207 2.76 -16.63 -0.33
N PRO A 208 3.40 -16.86 -1.48
CA PRO A 208 4.68 -16.18 -1.68
C PRO A 208 4.52 -14.64 -1.76
N ALA A 209 3.37 -14.15 -2.22
CA ALA A 209 3.12 -12.71 -2.30
C ALA A 209 3.05 -12.16 -0.87
N SER A 210 2.36 -12.89 0.00
CA SER A 210 2.24 -12.49 1.40
C SER A 210 3.65 -12.49 2.02
N GLY A 211 4.45 -13.50 1.67
CA GLY A 211 5.80 -13.59 2.17
C GLY A 211 6.67 -12.41 1.72
N ASP A 212 6.40 -11.90 0.53
CA ASP A 212 7.15 -10.76 0.00
C ASP A 212 6.80 -9.50 0.80
N ARG A 213 5.52 -9.33 1.11
CA ARG A 213 5.05 -8.18 1.90
C ARG A 213 5.75 -8.22 3.28
N ILE A 214 5.79 -9.41 3.90
CA ILE A 214 6.42 -9.58 5.20
C ILE A 214 7.92 -9.28 5.16
N GLY A 215 8.58 -9.71 4.09
CA GLY A 215 10.01 -9.48 3.94
C GLY A 215 10.34 -7.99 3.97
N PHE A 216 9.55 -7.22 3.23
CA PHE A 216 9.72 -5.77 3.19
C PHE A 216 9.47 -5.20 4.60
N TYR A 217 8.41 -5.66 5.25
CA TYR A 217 8.06 -5.16 6.58
C TYR A 217 9.20 -5.40 7.58
N LYS A 218 9.76 -6.60 7.57
CA LYS A 218 10.86 -6.93 8.45
C LYS A 218 12.09 -6.07 8.20
N ARG A 219 12.44 -5.86 6.94
CA ARG A 219 13.59 -5.04 6.64
C ARG A 219 13.35 -3.61 7.10
N TYR A 220 12.16 -3.08 6.83
CA TYR A 220 11.82 -1.74 7.24
C TYR A 220 11.83 -1.59 8.77
N CYS A 221 11.35 -2.61 9.48
CA CYS A 221 11.34 -2.61 10.93
C CYS A 221 12.77 -2.59 11.44
N ASP A 222 13.64 -3.40 10.84
CA ASP A 222 15.04 -3.44 11.24
C ASP A 222 15.73 -2.08 11.11
N VAL A 223 15.48 -1.40 9.99
CA VAL A 223 16.07 -0.08 9.75
C VAL A 223 15.52 0.96 10.74
N LEU A 224 14.21 0.91 11.00
CA LEU A 224 13.58 1.85 11.93
C LEU A 224 13.71 1.43 13.40
N HIS A 225 14.43 0.34 13.63
CA HIS A 225 14.64 -0.23 14.96
C HIS A 225 13.31 -0.56 15.67
N LEU A 226 12.47 -1.34 15.00
CA LEU A 226 11.18 -1.74 15.56
C LEU A 226 11.15 -3.26 15.62
N SER A 227 10.57 -3.82 16.67
CA SER A 227 10.45 -5.28 16.74
C SER A 227 9.31 -5.62 15.77
N TYR A 228 9.25 -6.84 15.27
CA TYR A 228 8.21 -7.14 14.28
C TYR A 228 6.77 -7.20 14.74
N GLY A 229 6.52 -7.63 15.97
CA GLY A 229 5.14 -7.70 16.41
C GLY A 229 4.53 -9.04 16.00
N PRO A 230 3.34 -9.39 16.52
CA PRO A 230 2.70 -10.67 16.19
C PRO A 230 1.80 -10.69 14.95
N ASN A 231 1.43 -11.89 14.53
CA ASN A 231 0.48 -12.08 13.42
C ASN A 231 0.88 -11.45 12.10
N LEU A 232 2.08 -11.76 11.61
CA LEU A 232 2.56 -11.19 10.36
C LEU A 232 1.89 -11.83 9.14
N ASN A 233 1.51 -13.11 9.21
CA ASN A 233 0.83 -13.75 8.08
C ASN A 233 -0.66 -13.75 8.23
N CYS A 234 -1.30 -14.36 7.23
CA CYS A 234 -2.74 -14.49 7.20
C CYS A 234 -3.10 -15.85 6.60
N ARG A 235 -2.21 -16.80 6.76
CA ARG A 235 -2.39 -18.15 6.24
C ARG A 235 -3.69 -18.78 6.73
N ASP A 236 -4.03 -18.52 7.97
CA ASP A 236 -5.23 -19.09 8.56
C ASP A 236 -6.41 -18.14 8.70
N GLN A 237 -6.30 -16.93 8.16
CA GLN A 237 -7.40 -15.99 8.27
C GLN A 237 -8.34 -16.16 7.10
N ARG A 238 -9.63 -16.11 7.38
CA ARG A 238 -10.58 -16.19 6.30
C ARG A 238 -10.65 -14.78 5.70
N PRO A 239 -10.52 -14.67 4.37
CA PRO A 239 -10.57 -13.37 3.72
C PRO A 239 -11.82 -12.57 4.08
N PHE A 240 -11.70 -11.25 4.12
CA PHE A 240 -12.81 -10.38 4.45
C PHE A 240 -14.07 -10.68 3.68
N GLY A 241 -14.91 -11.35 4.46
CA GLY A 241 -16.22 -11.85 4.08
C GLY A 241 -16.53 -12.68 5.31
N GLY A 242 -16.46 -12.04 6.47
CA GLY A 242 -16.76 -12.72 7.71
C GLY A 242 -17.94 -11.97 8.24
S SO4 B . 6.93 -0.70 21.37
O1 SO4 B . 6.52 0.08 20.30
O2 SO4 B . 7.08 -1.99 20.98
O3 SO4 B . 6.04 -0.49 22.48
O4 SO4 B . 8.21 -0.13 22.02
#